data_4EW0
#
_entry.id   4EW0
#
_cell.length_a   40.08
_cell.length_b   110.23
_cell.length_c   118.45
_cell.angle_alpha   90.00
_cell.angle_beta   90.00
_cell.angle_gamma   90.00
#
_symmetry.space_group_name_H-M   'C 2 2 21'
#
loop_
_entity.id
_entity.type
_entity.pdbx_description
1 polymer 'Methyl-CpG-binding domain protein 4'
2 polymer "DNA (5'-D(*TP*CP*AP*GP*CP*GP*CP*AP*TP*GP*G)-3')"
3 polymer "DNA (5'-D(*CP*CP*AP*TP*GP*(5HU)P*GP*CP*TP*GP*A)-3')"
4 non-polymer 1,2-ETHANEDIOL
5 non-polymer 'NICKEL (II) ION'
6 water water
#
loop_
_entity_poly.entity_id
_entity_poly.type
_entity_poly.pdbx_seq_one_letter_code
_entity_poly.pdbx_strand_id
1 'polypeptide(L)'
;HMKWTPPRSPFNLVQEILFHDPWKLLIATIFLNRTSGKMAIPVLWEFLEKYPSAEVARAADWRDVSELLKPLGLYDLRAK
TIIKFSDEYLTKQWRYPIELHGIGKYGNDSYRIFCVNEWKQVHPENHKLNKYHDWLWENHEKLSLS
;
A
2 'polydeoxyribonucleotide' (DT)(DC)(DA)(DG)(DC)(DG)(DC)(DA)(DT)(DG)(DG) B
3 'polydeoxyribonucleotide' (DC)(DC)(DA)(DT)(DG)(5HU)(DG)(DC)(DT)(DG)(DA) C
#
# COMPACT_ATOMS: atom_id res chain seq x y z
N TRP A 4 7.63 -15.27 -5.93
CA TRP A 4 8.10 -14.54 -4.76
C TRP A 4 6.98 -14.21 -3.78
N THR A 5 7.04 -14.83 -2.61
CA THR A 5 6.06 -14.58 -1.56
C THR A 5 6.75 -14.08 -0.30
N PRO A 6 6.41 -12.86 0.13
CA PRO A 6 7.00 -12.22 1.30
C PRO A 6 6.82 -13.03 2.58
N PRO A 7 7.89 -13.13 3.38
CA PRO A 7 7.84 -13.82 4.67
C PRO A 7 7.08 -13.02 5.73
N ARG A 8 6.88 -13.60 6.90
CA ARG A 8 6.14 -12.96 7.97
C ARG A 8 7.10 -12.40 9.03
N SER A 9 7.18 -11.08 9.11
CA SER A 9 8.14 -10.42 10.01
C SER A 9 7.50 -10.06 11.35
N PRO A 10 8.33 -9.87 12.38
CA PRO A 10 7.85 -9.42 13.69
C PRO A 10 7.29 -8.00 13.65
N PHE A 11 7.79 -7.18 12.73
CA PHE A 11 7.30 -5.81 12.57
C PHE A 11 5.80 -5.80 12.27
N ASN A 12 5.34 -6.86 11.63
CA ASN A 12 3.92 -7.05 11.31
C ASN A 12 3.36 -5.93 10.43
N LEU A 13 4.06 -5.63 9.34
CA LEU A 13 3.59 -4.63 8.39
C LEU A 13 2.34 -5.13 7.67
N VAL A 14 1.41 -4.22 7.38
CA VAL A 14 0.17 -4.61 6.74
C VAL A 14 0.40 -5.07 5.30
N GLN A 15 1.54 -4.68 4.74
CA GLN A 15 1.91 -5.11 3.39
C GLN A 15 2.14 -6.62 3.33
N GLU A 16 2.41 -7.23 4.48
CA GLU A 16 2.71 -8.64 4.55
C GLU A 16 1.49 -9.49 4.23
N ILE A 17 0.30 -8.93 4.42
CA ILE A 17 -0.93 -9.65 4.14
C ILE A 17 -1.64 -9.13 2.89
N LEU A 18 -1.04 -8.13 2.25
CA LEU A 18 -1.65 -7.48 1.08
C LEU A 18 -0.75 -7.57 -0.14
N PHE A 19 0.23 -8.47 -0.11
CA PHE A 19 1.16 -8.62 -1.22
C PHE A 19 0.45 -9.12 -2.47
N HIS A 20 -0.58 -9.95 -2.28
CA HIS A 20 -1.26 -10.60 -3.39
C HIS A 20 -2.29 -9.71 -4.08
N ASP A 21 -2.41 -8.47 -3.59
CA ASP A 21 -3.32 -7.50 -4.20
C ASP A 21 -2.67 -6.13 -4.23
N PRO A 22 -1.93 -5.84 -5.31
CA PRO A 22 -1.20 -4.58 -5.51
C PRO A 22 -2.06 -3.36 -5.24
N TRP A 23 -3.30 -3.38 -5.73
CA TRP A 23 -4.20 -2.27 -5.48
C TRP A 23 -4.41 -2.05 -3.98
N LYS A 24 -4.83 -3.10 -3.28
CA LYS A 24 -5.06 -3.04 -1.84
C LYS A 24 -3.81 -2.62 -1.05
N LEU A 25 -2.66 -3.17 -1.42
CA LEU A 25 -1.41 -2.82 -0.77
C LEU A 25 -1.13 -1.32 -0.91
N LEU A 26 -1.35 -0.79 -2.11
CA LEU A 26 -1.10 0.61 -2.38
C LEU A 26 -2.15 1.51 -1.71
N ILE A 27 -3.38 1.01 -1.62
CA ILE A 27 -4.41 1.70 -0.85
C ILE A 27 -3.96 1.82 0.61
N ALA A 28 -3.34 0.76 1.11
CA ALA A 28 -2.86 0.71 2.49
C ALA A 28 -1.75 1.72 2.75
N THR A 29 -0.86 1.88 1.77
CA THR A 29 0.21 2.86 1.87
C THR A 29 -0.37 4.26 2.01
N ILE A 30 -1.38 4.56 1.20
CA ILE A 30 -2.03 5.86 1.22
C ILE A 30 -2.68 6.11 2.58
N PHE A 31 -3.31 5.07 3.13
CA PHE A 31 -3.90 5.15 4.45
C PHE A 31 -2.85 5.41 5.52
N LEU A 32 -1.61 5.02 5.23
CA LEU A 32 -0.50 5.18 6.16
C LEU A 32 0.27 6.49 5.98
N ASN A 33 -0.17 7.31 5.04
CA ASN A 33 0.46 8.61 4.81
C ASN A 33 0.28 9.52 6.02
N ARG A 34 1.35 9.70 6.79
CA ARG A 34 1.34 10.52 8.01
C ARG A 34 0.15 10.16 8.90
N THR A 35 -0.10 8.86 9.03
CA THR A 35 -1.20 8.36 9.83
C THR A 35 -0.80 7.02 10.43
N SER A 36 -0.95 6.88 11.74
CA SER A 36 -0.58 5.65 12.42
C SER A 36 -1.45 4.48 11.97
N GLY A 37 -0.82 3.33 11.73
CA GLY A 37 -1.54 2.15 11.31
C GLY A 37 -2.47 1.65 12.38
N LYS A 38 -2.29 2.17 13.58
CA LYS A 38 -3.14 1.83 14.72
C LYS A 38 -4.57 2.28 14.47
N MET A 39 -4.71 3.49 13.91
CA MET A 39 -6.02 4.02 13.56
C MET A 39 -6.36 3.73 12.10
N ALA A 40 -5.33 3.67 11.25
CA ALA A 40 -5.51 3.54 9.81
C ALA A 40 -6.01 2.16 9.39
N ILE A 41 -5.29 1.12 9.82
CA ILE A 41 -5.63 -0.26 9.47
C ILE A 41 -7.09 -0.66 9.72
N PRO A 42 -7.66 -0.31 10.90
CA PRO A 42 -9.07 -0.63 11.11
C PRO A 42 -9.99 0.02 10.07
N VAL A 43 -9.76 1.30 9.79
CA VAL A 43 -10.57 2.01 8.79
C VAL A 43 -10.34 1.43 7.40
N LEU A 44 -9.13 0.91 7.18
CA LEU A 44 -8.79 0.28 5.91
C LEU A 44 -9.71 -0.92 5.63
N TRP A 45 -9.98 -1.71 6.67
CA TRP A 45 -10.84 -2.89 6.51
C TRP A 45 -12.30 -2.49 6.27
N GLU A 46 -12.73 -1.42 6.92
CA GLU A 46 -14.06 -0.87 6.68
C GLU A 46 -14.16 -0.37 5.25
N PHE A 47 -13.06 0.22 4.76
CA PHE A 47 -13.02 0.74 3.39
C PHE A 47 -13.07 -0.37 2.36
N LEU A 48 -12.20 -1.37 2.53
CA LEU A 48 -12.09 -2.47 1.59
C LEU A 48 -13.37 -3.32 1.57
N GLU A 49 -14.10 -3.32 2.68
CA GLU A 49 -15.38 -4.03 2.75
C GLU A 49 -16.41 -3.30 1.89
N LYS A 50 -16.30 -1.98 1.84
CA LYS A 50 -17.19 -1.17 1.03
C LYS A 50 -16.73 -1.15 -0.43
N TYR A 51 -15.43 -1.00 -0.63
CA TYR A 51 -14.86 -0.95 -1.98
C TYR A 51 -13.78 -2.01 -2.13
N PRO A 52 -14.18 -3.25 -2.44
CA PRO A 52 -13.27 -4.41 -2.52
C PRO A 52 -12.45 -4.46 -3.81
N SER A 53 -12.68 -3.54 -4.74
CA SER A 53 -11.91 -3.54 -5.98
C SER A 53 -11.66 -2.13 -6.49
N ALA A 54 -10.78 -2.03 -7.48
CA ALA A 54 -10.50 -0.74 -8.11
C ALA A 54 -11.62 -0.34 -9.07
N GLU A 55 -12.35 -1.33 -9.57
CA GLU A 55 -13.49 -1.07 -10.44
C GLU A 55 -14.62 -0.40 -9.67
N VAL A 56 -14.74 -0.76 -8.39
CA VAL A 56 -15.74 -0.18 -7.51
C VAL A 56 -15.25 1.14 -6.94
N ALA A 57 -13.96 1.21 -6.67
CA ALA A 57 -13.37 2.40 -6.06
C ALA A 57 -13.39 3.60 -6.99
N ARG A 58 -13.14 3.37 -8.29
CA ARG A 58 -13.10 4.46 -9.27
C ARG A 58 -14.49 5.05 -9.50
N ALA A 59 -15.53 4.23 -9.29
CA ALA A 59 -16.90 4.66 -9.51
C ALA A 59 -17.55 5.21 -8.24
N ALA A 60 -16.73 5.39 -7.21
CA ALA A 60 -17.25 5.83 -5.91
C ALA A 60 -17.40 7.34 -5.85
N ASP A 61 -18.25 7.80 -4.94
CA ASP A 61 -18.42 9.22 -4.68
C ASP A 61 -17.52 9.60 -3.50
N TRP A 62 -16.65 10.58 -3.72
CA TRP A 62 -15.61 10.92 -2.75
C TRP A 62 -16.13 11.42 -1.41
N ARG A 63 -17.30 12.06 -1.42
CA ARG A 63 -17.90 12.57 -0.19
C ARG A 63 -18.22 11.44 0.77
N ASP A 64 -18.50 10.27 0.21
CA ASP A 64 -18.77 9.07 1.01
C ASP A 64 -17.49 8.57 1.67
N VAL A 65 -16.41 8.54 0.90
CA VAL A 65 -15.13 8.04 1.38
C VAL A 65 -14.52 8.97 2.43
N SER A 66 -14.54 10.27 2.16
CA SER A 66 -14.03 11.26 3.10
C SER A 66 -14.76 11.12 4.43
N GLU A 67 -16.04 10.76 4.38
CA GLU A 67 -16.84 10.51 5.57
C GLU A 67 -16.27 9.36 6.39
N LEU A 68 -15.71 8.38 5.70
CA LEU A 68 -15.11 7.22 6.34
C LEU A 68 -13.70 7.55 6.81
N LEU A 69 -13.04 8.45 6.09
CA LEU A 69 -11.66 8.83 6.39
C LEU A 69 -11.57 9.95 7.42
N LYS A 70 -12.71 10.53 7.77
CA LYS A 70 -12.77 11.65 8.72
C LYS A 70 -11.91 11.53 9.99
N PRO A 71 -12.03 10.43 10.76
CA PRO A 71 -11.24 10.38 12.00
C PRO A 71 -9.73 10.26 11.77
N LEU A 72 -9.33 9.88 10.56
CA LEU A 72 -7.93 9.69 10.24
C LEU A 72 -7.24 10.99 9.87
N GLY A 73 -8.02 11.97 9.42
CA GLY A 73 -7.47 13.21 8.91
C GLY A 73 -7.11 13.05 7.46
N LEU A 74 -6.81 14.16 6.79
CA LEU A 74 -6.49 14.16 5.36
C LEU A 74 -7.59 13.49 4.55
N TYR A 75 -8.82 13.62 5.02
CA TYR A 75 -9.95 12.87 4.47
C TYR A 75 -10.40 13.31 3.07
N ASP A 76 -10.42 14.62 2.83
CA ASP A 76 -10.90 15.14 1.55
C ASP A 76 -9.96 14.85 0.39
N LEU A 77 -8.67 15.09 0.59
CA LEU A 77 -7.69 14.90 -0.48
C LEU A 77 -7.45 13.42 -0.77
N ARG A 78 -7.38 12.61 0.29
CA ARG A 78 -7.18 11.18 0.14
C ARG A 78 -8.30 10.53 -0.63
N ALA A 79 -9.53 10.92 -0.31
CA ALA A 79 -10.72 10.37 -0.97
C ALA A 79 -10.65 10.58 -2.48
N LYS A 80 -10.23 11.78 -2.89
CA LYS A 80 -10.09 12.09 -4.30
C LYS A 80 -8.87 11.39 -4.88
N THR A 81 -7.83 11.25 -4.05
CA THR A 81 -6.63 10.53 -4.45
C THR A 81 -6.95 9.05 -4.68
N ILE A 82 -7.63 8.44 -3.71
CA ILE A 82 -8.00 7.04 -3.80
C ILE A 82 -8.81 6.74 -5.06
N ILE A 83 -9.77 7.61 -5.36
CA ILE A 83 -10.59 7.46 -6.55
C ILE A 83 -9.75 7.63 -7.82
N LYS A 84 -8.93 8.67 -7.82
CA LYS A 84 -8.08 8.94 -8.98
C LYS A 84 -7.06 7.83 -9.17
N PHE A 85 -6.44 7.42 -8.07
CA PHE A 85 -5.46 6.33 -8.09
C PHE A 85 -6.09 5.04 -8.62
N SER A 86 -7.32 4.77 -8.17
CA SER A 86 -8.01 3.55 -8.55
C SER A 86 -8.30 3.53 -10.05
N ASP A 87 -8.72 4.68 -10.57
CA ASP A 87 -8.99 4.80 -12.00
C ASP A 87 -7.71 4.56 -12.80
N GLU A 88 -6.66 5.29 -12.44
CA GLU A 88 -5.39 5.16 -13.12
C GLU A 88 -4.79 3.77 -12.99
N TYR A 89 -5.05 3.12 -11.86
CA TYR A 89 -4.56 1.77 -11.62
C TYR A 89 -5.15 0.80 -12.65
N LEU A 90 -6.37 1.09 -13.09
CA LEU A 90 -7.02 0.27 -14.10
C LEU A 90 -6.82 0.83 -15.50
N THR A 91 -7.21 2.08 -15.71
CA THR A 91 -7.18 2.71 -17.03
C THR A 91 -5.75 2.91 -17.55
N LYS A 92 -5.00 3.76 -16.88
CA LYS A 92 -3.65 4.12 -17.30
C LYS A 92 -2.72 2.91 -17.37
N GLN A 93 -1.83 2.92 -18.35
CA GLN A 93 -0.85 1.85 -18.52
C GLN A 93 0.45 2.20 -17.79
N TRP A 94 0.64 1.59 -16.62
CA TRP A 94 1.82 1.81 -15.81
C TRP A 94 2.66 0.54 -15.78
N ARG A 95 3.92 0.68 -15.39
CA ARG A 95 4.75 -0.48 -15.08
C ARG A 95 5.12 -0.42 -13.60
N TYR A 96 5.03 0.78 -13.04
CA TYR A 96 5.24 0.98 -11.60
C TYR A 96 4.23 2.00 -11.05
N PRO A 97 3.73 1.73 -9.83
CA PRO A 97 2.65 2.53 -9.22
C PRO A 97 3.00 4.00 -8.97
N ILE A 98 4.28 4.34 -8.93
CA ILE A 98 4.69 5.73 -8.65
C ILE A 98 4.12 6.69 -9.70
N GLU A 99 4.03 6.19 -10.94
CA GLU A 99 3.46 6.91 -12.07
C GLU A 99 1.98 7.20 -11.87
N LEU A 100 1.33 6.39 -11.03
CA LEU A 100 -0.06 6.62 -10.69
C LEU A 100 -0.15 7.73 -9.65
N HIS A 101 -1.21 8.52 -9.72
CA HIS A 101 -1.39 9.63 -8.79
C HIS A 101 -1.57 9.18 -7.34
N GLY A 102 -0.86 9.85 -6.43
CA GLY A 102 -0.99 9.59 -5.02
C GLY A 102 0.03 8.62 -4.47
N ILE A 103 0.81 8.02 -5.35
CA ILE A 103 1.83 7.07 -4.95
C ILE A 103 3.24 7.61 -5.18
N GLY A 104 3.95 7.92 -4.10
CA GLY A 104 5.32 8.38 -4.20
C GLY A 104 6.31 7.24 -4.06
N LYS A 105 7.49 7.54 -3.54
CA LYS A 105 8.54 6.54 -3.41
C LYS A 105 8.20 5.46 -2.38
N TYR A 106 7.59 5.87 -1.27
CA TYR A 106 7.25 4.93 -0.20
C TYR A 106 6.30 3.85 -0.70
N GLY A 107 5.18 4.25 -1.29
CA GLY A 107 4.22 3.32 -1.84
C GLY A 107 4.82 2.47 -2.93
N ASN A 108 5.69 3.08 -3.74
CA ASN A 108 6.33 2.38 -4.84
C ASN A 108 7.41 1.40 -4.37
N ASP A 109 8.03 1.71 -3.24
CA ASP A 109 9.01 0.80 -2.64
C ASP A 109 8.31 -0.37 -1.98
N SER A 110 7.09 -0.13 -1.50
CA SER A 110 6.30 -1.19 -0.89
C SER A 110 5.90 -2.21 -1.94
N TYR A 111 5.47 -1.70 -3.10
CA TYR A 111 5.08 -2.55 -4.22
C TYR A 111 6.23 -3.42 -4.71
N ARG A 112 7.43 -2.87 -4.66
CA ARG A 112 8.60 -3.55 -5.22
C ARG A 112 9.26 -4.50 -4.24
N ILE A 113 8.85 -4.43 -2.97
CA ILE A 113 9.35 -5.36 -1.97
C ILE A 113 8.36 -6.50 -1.77
N PHE A 114 7.07 -6.18 -1.91
CA PHE A 114 6.02 -7.13 -1.58
C PHE A 114 5.28 -7.72 -2.77
N CYS A 115 4.99 -6.91 -3.78
CA CYS A 115 4.17 -7.37 -4.90
C CYS A 115 5.01 -8.03 -6.00
N VAL A 116 6.26 -7.62 -6.12
CA VAL A 116 7.19 -8.24 -7.06
C VAL A 116 8.51 -8.52 -6.36
N ASN A 117 9.41 -9.24 -7.04
CA ASN A 117 10.74 -9.52 -6.47
CA ASN A 117 10.73 -9.50 -6.45
C ASN A 117 11.80 -8.56 -6.99
N GLU A 118 11.83 -7.36 -6.43
CA GLU A 118 12.85 -6.38 -6.76
C GLU A 118 13.40 -5.84 -5.44
N TRP A 119 13.07 -6.54 -4.36
CA TRP A 119 13.35 -6.05 -3.01
C TRP A 119 14.84 -5.88 -2.71
N LYS A 120 15.68 -6.56 -3.46
CA LYS A 120 17.11 -6.40 -3.33
C LYS A 120 17.57 -5.16 -4.09
N GLN A 121 16.78 -4.76 -5.07
CA GLN A 121 17.06 -3.56 -5.86
C GLN A 121 16.39 -2.34 -5.24
N VAL A 122 15.75 -2.54 -4.09
CA VAL A 122 15.02 -1.47 -3.42
C VAL A 122 15.79 -0.92 -2.23
N HIS A 123 15.93 0.41 -2.20
CA HIS A 123 16.55 1.09 -1.07
C HIS A 123 15.61 2.16 -0.55
N PRO A 124 14.79 1.80 0.46
CA PRO A 124 13.75 2.69 0.98
C PRO A 124 14.32 3.85 1.79
N GLU A 125 13.57 4.94 1.86
CA GLU A 125 13.92 6.06 2.73
C GLU A 125 12.93 6.11 3.89
N ASN A 126 11.92 5.24 3.83
CA ASN A 126 10.91 5.14 4.88
C ASN A 126 11.48 4.42 6.10
N HIS A 127 10.97 4.76 7.28
CA HIS A 127 11.46 4.15 8.52
C HIS A 127 11.12 2.68 8.62
N LYS A 128 9.82 2.38 8.68
CA LYS A 128 9.36 1.01 8.90
C LYS A 128 9.64 0.09 7.72
N LEU A 129 9.85 0.67 6.53
CA LEU A 129 10.18 -0.12 5.35
C LEU A 129 11.66 -0.50 5.35
N ASN A 130 12.50 0.32 6.00
CA ASN A 130 13.91 -0.01 6.16
C ASN A 130 14.11 -1.14 7.13
N LYS A 131 13.30 -1.16 8.19
CA LYS A 131 13.39 -2.17 9.22
C LYS A 131 13.07 -3.56 8.66
N TYR A 132 11.96 -3.67 7.94
CA TYR A 132 11.57 -4.93 7.31
C TYR A 132 12.62 -5.38 6.31
N HIS A 133 13.12 -4.42 5.54
CA HIS A 133 14.15 -4.68 4.53
C HIS A 133 15.41 -5.23 5.17
N ASP A 134 15.76 -4.69 6.34
CA ASP A 134 16.94 -5.16 7.07
C ASP A 134 16.73 -6.55 7.65
N TRP A 135 15.55 -6.76 8.23
CA TRP A 135 15.19 -8.05 8.82
C TRP A 135 15.20 -9.15 7.77
N LEU A 136 14.97 -8.77 6.52
CA LEU A 136 15.03 -9.70 5.40
C LEU A 136 16.46 -10.18 5.20
N TRP A 137 17.36 -9.25 4.90
CA TRP A 137 18.75 -9.56 4.56
C TRP A 137 19.42 -10.54 5.53
N GLU A 138 19.17 -10.36 6.83
CA GLU A 138 19.76 -11.24 7.83
C GLU A 138 19.15 -12.63 7.78
N ASN A 139 17.83 -12.70 7.62
CA ASN A 139 17.12 -13.95 7.68
C ASN A 139 16.81 -14.58 6.32
N HIS A 140 17.11 -13.86 5.24
CA HIS A 140 16.73 -14.31 3.90
C HIS A 140 17.34 -15.65 3.51
N GLU A 141 18.59 -15.86 3.88
CA GLU A 141 19.29 -17.10 3.54
C GLU A 141 18.77 -18.25 4.37
N LYS A 142 18.29 -17.94 5.57
CA LYS A 142 17.73 -18.95 6.46
C LYS A 142 16.36 -19.40 5.97
N LEU A 143 15.81 -18.66 5.00
CA LEU A 143 14.53 -19.01 4.40
C LEU A 143 14.75 -19.81 3.13
N SER A 144 14.94 -19.11 2.01
CA SER A 144 15.16 -19.75 0.72
C SER A 144 15.63 -18.73 -0.32
N LEU A 145 15.14 -17.49 -0.18
CA LEU A 145 15.33 -16.45 -1.17
C LEU A 145 16.78 -16.04 -1.36
N SER A 146 17.05 -15.36 -2.46
CA SER A 146 18.38 -14.81 -2.77
C SER A 146 18.28 -13.77 -3.86
#